data_1HD9
#
_entry.id   1HD9
#
_cell.length_a   1.000
_cell.length_b   1.000
_cell.length_c   1.000
_cell.angle_alpha   90.00
_cell.angle_beta   90.00
_cell.angle_gamma   90.00
#
_symmetry.space_group_name_H-M   'P 1'
#
_entity_poly.entity_id   1
_entity_poly.type   'polypeptide(L)'
_entity_poly.pdbx_seq_one_letter_code
;(NLE)CTASIPPQCY
;
_entity_poly.pdbx_strand_id   A
#
# COMPACT_ATOMS: atom_id res chain seq x y z
N NLE A 1 -7.63 -1.16 3.29
CA NLE A 1 -6.26 -1.36 3.83
C NLE A 1 -5.20 -1.14 2.75
O NLE A 1 -5.49 -1.24 1.56
CB NLE A 1 -6.15 -2.78 4.39
CG NLE A 1 -6.92 -2.99 5.69
CD NLE A 1 -6.35 -2.15 6.81
CE NLE A 1 -6.12 -2.96 8.06
H2 NLE A 1 -8.26 -1.82 3.79
H NLE A 1 -7.90 -0.17 3.47
H3 NLE A 1 -7.61 -1.37 2.28
HA NLE A 1 -6.10 -0.66 4.63
HB2 NLE A 1 -5.12 -3.01 4.57
HB3 NLE A 1 -6.54 -3.47 3.66
HG2 NLE A 1 -6.86 -4.03 5.96
HG3 NLE A 1 -7.95 -2.71 5.53
HD2 NLE A 1 -7.03 -1.35 7.04
HD3 NLE A 1 -5.40 -1.74 6.50
HE1 NLE A 1 -7.07 -3.15 8.54
HE2 NLE A 1 -5.47 -2.41 8.73
HE3 NLE A 1 -5.66 -3.90 7.80
N CYS A 2 -3.98 -0.83 3.18
CA CYS A 2 -2.89 -0.59 2.25
C CYS A 2 -1.95 -1.80 2.18
N THR A 3 -1.39 -2.05 1.01
CA THR A 3 -0.49 -3.18 0.81
C THR A 3 0.93 -2.80 1.23
N ALA A 4 1.75 -3.81 1.50
CA ALA A 4 3.14 -3.59 1.91
C ALA A 4 4.00 -3.20 0.72
N SER A 5 3.63 -2.12 0.05
CA SER A 5 4.36 -1.64 -1.11
C SER A 5 5.08 -0.33 -0.81
N ILE A 6 6.08 0.00 -1.61
CA ILE A 6 6.84 1.23 -1.43
C ILE A 6 6.90 2.04 -2.72
N PRO A 7 6.16 3.16 -2.78
CA PRO A 7 5.31 3.62 -1.67
C PRO A 7 4.07 2.75 -1.48
N PRO A 8 3.53 2.72 -0.26
CA PRO A 8 2.34 1.93 0.06
C PRO A 8 1.07 2.53 -0.55
N GLN A 9 0.19 1.66 -1.03
CA GLN A 9 -1.06 2.10 -1.64
C GLN A 9 -2.25 1.36 -1.05
N CYS A 10 -3.43 1.94 -1.19
CA CYS A 10 -4.65 1.33 -0.66
C CYS A 10 -5.63 1.01 -1.79
N TYR A 11 -6.35 -0.10 -1.65
CA TYR A 11 -7.32 -0.52 -2.65
C TYR A 11 -8.74 -0.10 -2.25
N NLE A 1 -6.03 -0.43 5.61
CA NLE A 1 -4.57 -0.44 5.43
C NLE A 1 -4.20 -0.60 3.95
O NLE A 1 -5.00 -1.05 3.15
CB NLE A 1 -3.98 -1.61 6.24
CG NLE A 1 -4.94 -2.77 6.41
CD NLE A 1 -5.13 -3.53 5.11
CE NLE A 1 -4.72 -4.97 5.23
H2 NLE A 1 -6.42 -1.28 5.15
H NLE A 1 -6.22 -0.44 6.64
H3 NLE A 1 -6.40 0.44 5.18
HA NLE A 1 -4.16 0.49 5.80
HB2 NLE A 1 -3.70 -1.24 7.22
HB3 NLE A 1 -3.10 -1.96 5.74
HG2 NLE A 1 -5.90 -2.39 6.75
HG3 NLE A 1 -4.54 -3.45 7.16
HD2 NLE A 1 -4.55 -3.06 4.33
HD3 NLE A 1 -6.18 -3.50 4.84
HE1 NLE A 1 -5.07 -5.37 6.18
HE2 NLE A 1 -3.64 -5.03 5.20
HE3 NLE A 1 -5.14 -5.54 4.42
N CYS A 2 -2.97 -0.21 3.61
CA CYS A 2 -2.50 -0.29 2.24
C CYS A 2 -1.58 -1.49 2.06
N THR A 3 -1.37 -1.88 0.80
CA THR A 3 -0.50 -3.02 0.49
C THR A 3 0.93 -2.78 1.00
N ALA A 4 1.61 -3.85 1.34
CA ALA A 4 2.98 -3.76 1.84
C ALA A 4 3.95 -3.39 0.72
N SER A 5 3.68 -2.26 0.07
CA SER A 5 4.54 -1.79 -1.02
C SER A 5 5.09 -0.40 -0.71
N ILE A 6 6.13 -0.02 -1.45
CA ILE A 6 6.76 1.28 -1.27
C ILE A 6 6.79 2.07 -2.57
N PRO A 7 6.01 3.16 -2.66
CA PRO A 7 5.13 3.61 -1.57
C PRO A 7 3.90 2.73 -1.41
N PRO A 8 3.38 2.62 -0.18
CA PRO A 8 2.19 1.82 0.11
C PRO A 8 0.91 2.46 -0.42
N GLN A 9 0.07 1.65 -1.06
CA GLN A 9 -1.18 2.14 -1.61
C GLN A 9 -2.35 1.25 -1.19
N CYS A 10 -3.55 1.82 -1.19
CA CYS A 10 -4.75 1.08 -0.80
C CYS A 10 -5.66 0.86 -2.00
N TYR A 11 -6.53 -0.13 -1.90
CA TYR A 11 -7.48 -0.44 -2.97
C TYR A 11 -8.83 0.21 -2.72
N NLE A 1 -7.73 -1.33 3.48
CA NLE A 1 -6.37 -1.63 3.97
C NLE A 1 -5.32 -1.38 2.88
O NLE A 1 -5.61 -1.49 1.69
CB NLE A 1 -6.32 -3.09 4.42
CG NLE A 1 -6.40 -3.27 5.93
CD NLE A 1 -5.35 -4.26 6.43
CE NLE A 1 -5.99 -5.54 6.91
H2 NLE A 1 -8.14 -2.21 3.14
H NLE A 1 -8.27 -0.95 4.28
H3 NLE A 1 -7.65 -0.63 2.72
HA NLE A 1 -6.14 -0.99 4.82
HB2 NLE A 1 -5.39 -3.53 4.07
HB3 NLE A 1 -7.14 -3.62 3.96
HG2 NLE A 1 -7.38 -3.63 6.18
HG3 NLE A 1 -6.23 -2.32 6.40
HD2 NLE A 1 -4.81 -3.81 7.25
HD3 NLE A 1 -4.67 -4.49 5.62
HE1 NLE A 1 -5.77 -5.67 7.96
HE2 NLE A 1 -5.58 -6.37 6.35
HE3 NLE A 1 -7.05 -5.49 6.76
N CYS A 2 -4.11 -1.02 3.30
CA CYS A 2 -3.02 -0.76 2.37
C CYS A 2 -2.06 -1.93 2.30
N THR A 3 -1.44 -2.12 1.13
CA THR A 3 -0.50 -3.22 0.93
C THR A 3 0.91 -2.79 1.32
N ALA A 4 1.78 -3.77 1.52
CA ALA A 4 3.17 -3.50 1.89
C ALA A 4 4.00 -3.15 0.68
N SER A 5 3.67 -2.02 0.05
CA SER A 5 4.40 -1.56 -1.13
C SER A 5 5.17 -0.28 -0.84
N ILE A 6 6.12 0.04 -1.71
CA ILE A 6 6.93 1.23 -1.54
C ILE A 6 6.88 2.13 -2.78
N PRO A 7 6.10 3.22 -2.72
CA PRO A 7 5.32 3.58 -1.53
C PRO A 7 4.10 2.68 -1.34
N PRO A 8 3.41 2.83 -0.20
CA PRO A 8 2.22 2.03 0.11
C PRO A 8 1.02 2.41 -0.75
N GLN A 9 0.23 1.41 -1.13
CA GLN A 9 -0.95 1.64 -1.96
C GLN A 9 -2.21 1.13 -1.27
N CYS A 10 -3.26 1.96 -1.27
CA CYS A 10 -4.52 1.59 -0.65
C CYS A 10 -5.67 1.68 -1.65
N TYR A 11 -6.51 0.65 -1.67
CA TYR A 11 -7.65 0.62 -2.58
C TYR A 11 -8.92 1.08 -1.87
N NLE A 1 -7.51 -1.77 4.00
CA NLE A 1 -6.08 -1.65 4.39
C NLE A 1 -5.18 -1.43 3.18
O NLE A 1 -5.61 -1.59 2.04
CB NLE A 1 -5.66 -2.93 5.13
CG NLE A 1 -5.43 -2.73 6.61
CD NLE A 1 -6.38 -3.58 7.44
CE NLE A 1 -6.43 -3.11 8.89
H2 NLE A 1 -7.68 -2.77 3.76
H NLE A 1 -8.09 -1.47 4.80
H3 NLE A 1 -7.66 -1.16 3.17
HA NLE A 1 -5.97 -0.81 5.06
HB2 NLE A 1 -4.75 -3.30 4.69
HB3 NLE A 1 -6.43 -3.67 5.00
HG2 NLE A 1 -5.58 -1.68 6.86
HG3 NLE A 1 -4.40 -3.01 6.85
HD2 NLE A 1 -6.04 -4.60 7.42
HD3 NLE A 1 -7.37 -3.51 7.02
HE1 NLE A 1 -5.68 -3.63 9.46
HE2 NLE A 1 -7.40 -3.32 9.29
HE3 NLE A 1 -6.24 -2.05 8.93
N CYS A 2 -3.93 -1.05 3.43
CA CYS A 2 -2.98 -0.80 2.36
C CYS A 2 -2.04 -1.99 2.18
N THR A 3 -1.38 -2.05 1.03
CA THR A 3 -0.46 -3.14 0.74
C THR A 3 0.98 -2.74 1.10
N ALA A 4 1.73 -3.69 1.63
CA ALA A 4 3.12 -3.44 2.01
C ALA A 4 3.98 -3.14 0.79
N SER A 5 3.62 -2.08 0.08
CA SER A 5 4.36 -1.68 -1.13
C SER A 5 5.12 -0.37 -0.89
N ILE A 6 6.09 -0.09 -1.74
CA ILE A 6 6.89 1.12 -1.62
C ILE A 6 6.79 1.97 -2.88
N PRO A 7 6.04 3.09 -2.84
CA PRO A 7 5.33 3.51 -1.62
C PRO A 7 4.07 2.70 -1.38
N PRO A 8 3.53 2.78 -0.14
CA PRO A 8 2.32 2.05 0.23
C PRO A 8 1.06 2.66 -0.38
N GLN A 9 0.21 1.81 -0.95
CA GLN A 9 -1.03 2.28 -1.57
C GLN A 9 -2.21 1.41 -1.14
N CYS A 10 -3.41 1.98 -1.25
CA CYS A 10 -4.63 1.26 -0.87
C CYS A 10 -5.53 1.05 -2.08
N TYR A 11 -6.41 0.06 -1.98
CA TYR A 11 -7.33 -0.25 -3.07
C TYR A 11 -8.71 0.37 -2.81
N NLE A 1 -7.29 -1.28 4.14
CA NLE A 1 -5.86 -1.58 4.38
C NLE A 1 -5.02 -1.31 3.12
O NLE A 1 -5.51 -1.42 2.00
CB NLE A 1 -5.73 -3.04 4.79
CG NLE A 1 -6.28 -3.34 6.17
CD NLE A 1 -5.38 -2.78 7.26
CE NLE A 1 -5.82 -1.39 7.68
H2 NLE A 1 -7.51 -1.55 3.16
H NLE A 1 -7.85 -1.83 4.82
H3 NLE A 1 -7.44 -0.26 4.28
HA NLE A 1 -5.50 -0.95 5.18
HB2 NLE A 1 -4.67 -3.32 4.77
HB3 NLE A 1 -6.25 -3.66 4.07
HG2 NLE A 1 -6.35 -4.41 6.30
HG3 NLE A 1 -7.26 -2.90 6.26
HD2 NLE A 1 -4.37 -2.72 6.89
HD3 NLE A 1 -5.42 -3.43 8.12
HE1 NLE A 1 -6.41 -0.94 6.90
HE2 NLE A 1 -4.95 -0.79 7.89
HE3 NLE A 1 -6.42 -1.46 8.59
N CYS A 2 -3.76 -0.93 3.34
CA CYS A 2 -2.86 -0.65 2.22
C CYS A 2 -1.90 -1.81 1.99
N THR A 3 -1.34 -1.87 0.79
CA THR A 3 -0.40 -2.94 0.44
C THR A 3 0.94 -2.71 1.13
N ALA A 4 1.68 -3.81 1.32
CA ALA A 4 2.99 -3.73 1.96
C ALA A 4 4.09 -3.48 0.94
N SER A 5 3.99 -2.35 0.23
CA SER A 5 4.98 -1.99 -0.77
C SER A 5 5.26 -0.49 -0.74
N ILE A 6 6.37 -0.09 -1.37
CA ILE A 6 6.76 1.31 -1.41
C ILE A 6 6.64 1.87 -2.82
N PRO A 7 5.84 2.92 -3.01
CA PRO A 7 5.07 3.55 -1.93
C PRO A 7 3.83 2.75 -1.56
N PRO A 8 3.41 2.84 -0.29
CA PRO A 8 2.23 2.12 0.21
C PRO A 8 0.93 2.74 -0.28
N GLN A 9 0.13 1.94 -0.98
CA GLN A 9 -1.15 2.41 -1.50
C GLN A 9 -2.30 1.50 -1.07
N CYS A 10 -3.51 2.03 -1.10
CA CYS A 10 -4.69 1.25 -0.72
C CYS A 10 -5.60 1.02 -1.92
N TYR A 11 -5.11 0.24 -2.87
CA TYR A 11 -5.88 -0.07 -4.08
C TYR A 11 -6.38 -1.51 -4.05
N NLE A 1 -6.04 -0.19 5.61
CA NLE A 1 -4.56 -0.18 5.44
C NLE A 1 -4.16 -0.44 3.99
O NLE A 1 -4.96 -0.97 3.21
CB NLE A 1 -3.95 -1.24 6.35
CG NLE A 1 -4.13 -2.66 5.84
CD NLE A 1 -2.86 -3.48 6.03
CE NLE A 1 -2.81 -4.14 7.39
H2 NLE A 1 -6.27 -1.01 6.22
H NLE A 1 -6.32 0.70 6.06
H3 NLE A 1 -6.46 -0.29 4.67
HA NLE A 1 -4.19 0.79 5.74
HB2 NLE A 1 -4.41 -1.17 7.33
HB3 NLE A 1 -2.89 -1.05 6.46
HG2 NLE A 1 -4.38 -2.63 4.80
HG3 NLE A 1 -4.92 -3.13 6.40
HD2 NLE A 1 -2.00 -2.85 5.92
HD3 NLE A 1 -2.83 -4.26 5.27
HE1 NLE A 1 -3.81 -4.32 7.74
HE2 NLE A 1 -2.30 -3.49 8.09
HE3 NLE A 1 -2.27 -5.08 7.32
N CYS A 2 -2.94 -0.06 3.64
CA CYS A 2 -2.44 -0.26 2.28
C CYS A 2 -1.56 -1.50 2.20
N THR A 3 -1.40 -2.02 0.98
CA THR A 3 -0.57 -3.20 0.77
C THR A 3 0.89 -2.92 1.09
N ALA A 4 1.64 -3.97 1.41
CA ALA A 4 3.06 -3.83 1.73
C ALA A 4 3.85 -3.35 0.52
N SER A 5 3.51 -2.17 0.02
CA SER A 5 4.19 -1.60 -1.13
C SER A 5 4.90 -0.30 -0.76
N ILE A 6 5.92 0.06 -1.53
CA ILE A 6 6.67 1.28 -1.28
C ILE A 6 6.75 2.15 -2.53
N PRO A 7 6.02 3.28 -2.55
CA PRO A 7 5.17 3.69 -1.43
C PRO A 7 3.91 2.84 -1.30
N PRO A 8 3.38 2.72 -0.07
CA PRO A 8 2.17 1.93 0.19
C PRO A 8 1.00 2.36 -0.68
N GLN A 9 0.20 1.39 -1.11
CA GLN A 9 -0.97 1.68 -1.95
C GLN A 9 -2.23 1.02 -1.37
N CYS A 10 -3.31 1.79 -1.32
CA CYS A 10 -4.57 1.28 -0.79
C CYS A 10 -5.59 1.10 -1.91
N TYR A 11 -6.03 -0.14 -2.09
CA TYR A 11 -7.00 -0.46 -3.14
C TYR A 11 -8.42 -0.49 -2.56
N NLE A 1 -7.13 -1.02 4.19
CA NLE A 1 -5.68 -1.19 4.47
C NLE A 1 -4.86 -1.04 3.19
O NLE A 1 -5.37 -1.21 2.08
CB NLE A 1 -5.47 -2.57 5.08
CG NLE A 1 -5.75 -2.63 6.58
CD NLE A 1 -4.54 -3.11 7.35
CE NLE A 1 -4.67 -2.79 8.83
H2 NLE A 1 -7.55 -0.50 4.99
H NLE A 1 -7.23 -0.48 3.31
H3 NLE A 1 -7.55 -1.97 4.09
HA NLE A 1 -5.38 -0.43 5.17
HB2 NLE A 1 -4.43 -2.87 4.92
HB3 NLE A 1 -6.11 -3.28 4.58
HG2 NLE A 1 -6.58 -3.30 6.75
HG3 NLE A 1 -6.01 -1.64 6.91
HD2 NLE A 1 -3.66 -2.63 6.97
HD3 NLE A 1 -4.45 -4.18 7.24
HE1 NLE A 1 -5.42 -2.04 8.97
HE2 NLE A 1 -3.72 -2.43 9.20
HE3 NLE A 1 -4.94 -3.68 9.37
N CYS A 2 -3.57 -0.74 3.35
CA CYS A 2 -2.68 -0.57 2.21
C CYS A 2 -1.77 -1.78 2.05
N THR A 3 -1.25 -1.97 0.85
CA THR A 3 -0.36 -3.09 0.57
C THR A 3 1.06 -2.82 1.09
N ALA A 4 1.75 -3.88 1.48
CA ALA A 4 3.11 -3.75 1.99
C ALA A 4 4.09 -3.43 0.88
N SER A 5 3.83 -2.34 0.16
CA SER A 5 4.68 -1.92 -0.94
C SER A 5 5.17 -0.49 -0.73
N ILE A 6 6.20 -0.10 -1.49
CA ILE A 6 6.75 1.24 -1.40
C ILE A 6 6.69 1.96 -2.75
N PRO A 7 5.93 3.06 -2.84
CA PRO A 7 5.16 3.60 -1.71
C PRO A 7 3.90 2.78 -1.43
N PRO A 8 3.37 2.88 -0.21
CA PRO A 8 2.16 2.14 0.20
C PRO A 8 0.91 2.68 -0.49
N GLN A 9 0.09 1.77 -1.00
CA GLN A 9 -1.14 2.15 -1.68
C GLN A 9 -2.34 1.41 -1.09
N CYS A 10 -3.53 1.98 -1.30
CA CYS A 10 -4.75 1.38 -0.78
C CYS A 10 -5.81 1.27 -1.88
N TYR A 11 -6.06 0.05 -2.34
CA TYR A 11 -7.05 -0.19 -3.39
C TYR A 11 -8.38 -0.63 -2.78
N NLE A 1 -6.64 -0.44 5.14
CA NLE A 1 -5.15 -0.48 5.16
C NLE A 1 -4.59 -0.59 3.75
O NLE A 1 -5.30 -0.93 2.81
CB NLE A 1 -4.71 -1.69 5.99
CG NLE A 1 -4.08 -1.33 7.32
CD NLE A 1 -4.49 -2.28 8.42
CE NLE A 1 -5.02 -1.55 9.63
H2 NLE A 1 -6.97 -1.17 4.47
H NLE A 1 -6.98 -0.63 6.11
H3 NLE A 1 -6.92 0.51 4.84
HA NLE A 1 -4.78 0.42 5.63
HB2 NLE A 1 -4.00 -2.27 5.42
HB3 NLE A 1 -5.58 -2.31 6.19
HG2 NLE A 1 -4.39 -0.32 7.58
HG3 NLE A 1 -3.01 -1.35 7.22
HD2 NLE A 1 -3.63 -2.86 8.73
HD3 NLE A 1 -5.27 -2.94 8.05
HE1 NLE A 1 -5.07 -2.22 10.47
HE2 NLE A 1 -6.01 -1.17 9.42
HE3 NLE A 1 -4.37 -0.72 9.87
N CYS A 2 -3.30 -0.29 3.61
CA CYS A 2 -2.64 -0.34 2.30
C CYS A 2 -1.77 -1.59 2.19
N THR A 3 -1.39 -1.92 0.96
CA THR A 3 -0.55 -3.10 0.72
C THR A 3 0.90 -2.82 1.09
N ALA A 4 1.63 -3.88 1.45
CA ALA A 4 3.03 -3.75 1.83
C ALA A 4 3.89 -3.37 0.62
N SER A 5 3.57 -2.23 0.02
CA SER A 5 4.32 -1.76 -1.14
C SER A 5 4.98 -0.42 -0.86
N ILE A 6 5.95 -0.05 -1.69
CA ILE A 6 6.66 1.21 -1.52
C ILE A 6 6.58 2.07 -2.79
N PRO A 7 5.88 3.20 -2.73
CA PRO A 7 5.19 3.65 -1.50
C PRO A 7 3.90 2.88 -1.25
N PRO A 8 3.50 2.78 0.03
CA PRO A 8 2.27 2.07 0.42
C PRO A 8 1.05 2.60 -0.32
N GLN A 9 0.29 1.68 -0.91
CA GLN A 9 -0.93 2.05 -1.64
C GLN A 9 -2.11 1.20 -1.20
N CYS A 10 -3.31 1.75 -1.37
CA CYS A 10 -4.53 1.05 -0.98
C CYS A 10 -5.39 0.75 -2.20
N TYR A 11 -6.41 -0.09 -2.02
CA TYR A 11 -7.31 -0.45 -3.11
C TYR A 11 -8.57 0.40 -3.08
N NLE A 1 -7.69 -1.34 2.98
CA NLE A 1 -6.34 -1.43 3.60
C NLE A 1 -5.25 -1.22 2.57
O NLE A 1 -5.49 -1.29 1.36
CB NLE A 1 -6.19 -2.80 4.25
CG NLE A 1 -6.36 -2.78 5.77
CD NLE A 1 -5.87 -4.08 6.39
CE NLE A 1 -6.69 -4.45 7.60
H2 NLE A 1 -8.13 -0.44 3.29
H NLE A 1 -7.57 -1.35 1.94
H3 NLE A 1 -8.24 -2.16 3.31
HA NLE A 1 -6.27 -0.66 4.36
HB2 NLE A 1 -5.22 -3.19 4.02
HB3 NLE A 1 -6.95 -3.47 3.84
HG2 NLE A 1 -7.41 -2.65 6.00
HG3 NLE A 1 -5.79 -1.96 6.17
HD2 NLE A 1 -4.84 -3.95 6.70
HD3 NLE A 1 -5.94 -4.87 5.67
HE1 NLE A 1 -6.65 -5.53 7.74
HE2 NLE A 1 -7.72 -4.15 7.45
HE3 NLE A 1 -6.29 -3.97 8.47
N CYS A 2 -4.03 -0.94 3.04
CA CYS A 2 -2.90 -0.72 2.15
C CYS A 2 -1.97 -1.94 2.14
N THR A 3 -1.27 -2.12 1.02
CA THR A 3 -0.36 -3.24 0.88
C THR A 3 1.07 -2.84 1.25
N ALA A 4 1.86 -3.82 1.65
CA ALA A 4 3.25 -3.57 2.04
C ALA A 4 4.10 -3.22 0.82
N SER A 5 3.71 -2.17 0.12
CA SER A 5 4.43 -1.72 -1.06
C SER A 5 5.13 -0.39 -0.81
N ILE A 6 6.09 -0.06 -1.68
CA ILE A 6 6.83 1.19 -1.54
C ILE A 6 6.77 2.00 -2.84
N PRO A 7 6.01 3.11 -2.84
CA PRO A 7 5.24 3.56 -1.68
C PRO A 7 3.98 2.73 -1.45
N PRO A 8 3.48 2.69 -0.21
CA PRO A 8 2.28 1.93 0.15
C PRO A 8 1.01 2.59 -0.41
N GLN A 9 0.16 1.79 -1.04
CA GLN A 9 -1.09 2.30 -1.60
C GLN A 9 -2.28 1.50 -1.10
N CYS A 10 -3.47 2.09 -1.19
CA CYS A 10 -4.70 1.45 -0.76
C CYS A 10 -5.66 1.26 -1.92
N TYR A 11 -5.96 0.01 -2.25
CA TYR A 11 -6.87 -0.30 -3.34
C TYR A 11 -8.29 -0.51 -2.82
N NLE A 1 -6.17 -0.68 5.14
CA NLE A 1 -4.69 -0.72 5.07
C NLE A 1 -4.21 -0.83 3.63
O NLE A 1 -4.94 -1.31 2.76
CB NLE A 1 -4.18 -1.92 5.89
CG NLE A 1 -3.69 -1.54 7.27
CD NLE A 1 -4.35 -2.38 8.35
CE NLE A 1 -3.71 -2.17 9.70
H2 NLE A 1 -6.44 0.20 5.62
H NLE A 1 -6.53 -0.72 4.17
H3 NLE A 1 -6.48 -1.52 5.69
HA NLE A 1 -4.30 0.19 5.51
HB2 NLE A 1 -3.37 -2.38 5.35
HB3 NLE A 1 -4.99 -2.62 5.99
HG2 NLE A 1 -3.92 -0.50 7.46
HG3 NLE A 1 -2.62 -1.68 7.32
HD2 NLE A 1 -4.25 -3.43 8.08
HD3 NLE A 1 -5.39 -2.13 8.42
HE1 NLE A 1 -3.88 -1.15 10.03
HE2 NLE A 1 -2.65 -2.36 9.64
HE3 NLE A 1 -4.15 -2.84 10.42
N CYS A 2 -2.98 -0.39 3.38
CA CYS A 2 -2.40 -0.45 2.04
C CYS A 2 -1.50 -1.68 1.88
N THR A 3 -1.16 -1.99 0.64
CA THR A 3 -0.31 -3.14 0.36
C THR A 3 1.10 -2.91 0.90
N ALA A 4 1.70 -3.96 1.43
CA ALA A 4 3.06 -3.88 1.98
C ALA A 4 4.07 -3.55 0.90
N SER A 5 3.94 -2.35 0.31
CA SER A 5 4.84 -1.92 -0.74
C SER A 5 5.11 -0.42 -0.64
N ILE A 6 6.30 0.00 -1.08
CA ILE A 6 6.67 1.41 -1.04
C ILE A 6 6.75 1.99 -2.45
N PRO A 7 5.95 3.03 -2.74
CA PRO A 7 5.01 3.61 -1.77
C PRO A 7 3.77 2.74 -1.56
N PRO A 8 3.18 2.80 -0.36
CA PRO A 8 1.98 2.02 -0.04
C PRO A 8 0.76 2.47 -0.84
N GLN A 9 -0.09 1.52 -1.19
CA GLN A 9 -1.29 1.81 -1.97
C GLN A 9 -2.54 1.22 -1.30
N CYS A 10 -3.54 2.07 -1.09
CA CYS A 10 -4.79 1.64 -0.46
C CYS A 10 -5.95 1.71 -1.45
N TYR A 11 -6.33 0.56 -1.99
CA TYR A 11 -7.43 0.51 -2.96
C TYR A 11 -8.74 0.11 -2.27
N NLE A 1 -6.99 -1.53 4.68
CA NLE A 1 -5.51 -1.58 4.82
C NLE A 1 -4.81 -1.31 3.50
O NLE A 1 -5.40 -1.50 2.43
CB NLE A 1 -5.13 -2.97 5.35
CG NLE A 1 -5.63 -3.25 6.76
CD NLE A 1 -4.72 -2.64 7.80
CE NLE A 1 -3.64 -3.59 8.24
H2 NLE A 1 -7.21 -1.55 3.66
H NLE A 1 -7.39 -2.34 5.17
H3 NLE A 1 -7.31 -0.63 5.10
HA NLE A 1 -5.20 -0.84 5.55
HB2 NLE A 1 -4.06 -3.06 5.34
HB3 NLE A 1 -5.56 -3.72 4.69
HG2 NLE A 1 -5.67 -4.32 6.91
HG3 NLE A 1 -6.62 -2.83 6.87
HD2 NLE A 1 -5.31 -2.36 8.66
HD3 NLE A 1 -4.25 -1.75 7.39
HE1 NLE A 1 -4.09 -4.44 8.73
HE2 NLE A 1 -2.97 -3.10 8.92
HE3 NLE A 1 -3.09 -3.94 7.38
N CYS A 2 -3.56 -0.88 3.58
CA CYS A 2 -2.78 -0.58 2.38
C CYS A 2 -1.79 -1.71 2.08
N THR A 3 -1.46 -1.87 0.81
CA THR A 3 -0.53 -2.91 0.39
C THR A 3 0.89 -2.60 0.86
N ALA A 4 1.54 -3.61 1.46
CA ALA A 4 2.90 -3.43 1.96
C ALA A 4 3.87 -3.18 0.83
N SER A 5 3.65 -2.10 0.09
CA SER A 5 4.52 -1.73 -1.02
C SER A 5 5.15 -0.37 -0.80
N ILE A 6 6.19 -0.07 -1.58
CA ILE A 6 6.89 1.20 -1.47
C ILE A 6 6.82 1.98 -2.78
N PRO A 7 6.03 3.07 -2.82
CA PRO A 7 5.26 3.54 -1.66
C PRO A 7 4.01 2.69 -1.42
N PRO A 8 3.50 2.69 -0.18
CA PRO A 8 2.31 1.92 0.19
C PRO A 8 1.04 2.53 -0.38
N GLN A 9 0.18 1.69 -0.95
CA GLN A 9 -1.07 2.14 -1.53
C GLN A 9 -2.24 1.28 -1.06
N CYS A 10 -3.44 1.82 -1.17
CA CYS A 10 -4.65 1.11 -0.76
C CYS A 10 -5.56 0.83 -1.96
N TYR A 11 -6.19 -0.34 -1.96
CA TYR A 11 -7.08 -0.72 -3.05
C TYR A 11 -8.53 -0.44 -2.67
N NLE A 1 -7.87 -2.36 2.59
CA NLE A 1 -6.58 -2.37 3.32
C NLE A 1 -5.44 -1.83 2.46
O NLE A 1 -5.57 -1.74 1.24
CB NLE A 1 -6.27 -3.82 3.74
CG NLE A 1 -5.67 -4.66 2.64
CD NLE A 1 -5.97 -6.13 2.83
CE NLE A 1 -4.96 -7.01 2.13
H2 NLE A 1 -8.61 -2.14 3.28
H NLE A 1 -7.81 -1.63 1.86
H3 NLE A 1 -8.00 -3.30 2.17
HA NLE A 1 -6.67 -1.76 4.20
HB2 NLE A 1 -7.19 -4.28 4.07
HB3 NLE A 1 -5.58 -3.79 4.57
HG2 NLE A 1 -4.60 -4.52 2.63
HG3 NLE A 1 -6.07 -4.33 1.69
HD2 NLE A 1 -6.95 -6.35 2.42
HD3 NLE A 1 -5.96 -6.36 3.89
HE1 NLE A 1 -3.96 -6.73 2.43
HE2 NLE A 1 -5.05 -6.89 1.05
HE3 NLE A 1 -5.14 -8.04 2.40
N CYS A 2 -4.33 -1.47 3.09
CA CYS A 2 -3.18 -0.94 2.38
C CYS A 2 -2.11 -2.00 2.21
N THR A 3 -1.52 -2.07 1.02
CA THR A 3 -0.48 -3.04 0.73
C THR A 3 0.87 -2.56 1.24
N ALA A 4 1.75 -3.51 1.55
CA ALA A 4 3.08 -3.17 2.05
C ALA A 4 4.03 -2.88 0.89
N SER A 5 3.62 -1.96 0.02
CA SER A 5 4.43 -1.58 -1.13
C SER A 5 5.14 -0.25 -0.88
N ILE A 6 6.14 0.04 -1.70
CA ILE A 6 6.90 1.28 -1.58
C ILE A 6 6.80 2.12 -2.85
N PRO A 7 6.00 3.20 -2.83
CA PRO A 7 5.22 3.59 -1.65
C PRO A 7 4.00 2.70 -1.43
N PRO A 8 3.51 2.64 -0.18
CA PRO A 8 2.34 1.83 0.16
C PRO A 8 1.14 2.15 -0.71
N GLN A 9 0.33 1.12 -1.02
CA GLN A 9 -0.85 1.31 -1.85
C GLN A 9 -2.12 1.10 -1.03
N CYS A 10 -3.12 1.94 -1.28
CA CYS A 10 -4.39 1.85 -0.58
C CYS A 10 -5.56 2.00 -1.54
N TYR A 11 -6.22 0.89 -1.84
CA TYR A 11 -7.36 0.90 -2.75
C TYR A 11 -8.68 1.03 -1.98
N NLE A 1 -7.67 -0.58 4.01
CA NLE A 1 -6.66 -1.62 3.68
C NLE A 1 -5.50 -1.04 2.89
O NLE A 1 -5.70 -0.22 1.98
CB NLE A 1 -7.36 -2.73 2.88
CG NLE A 1 -8.29 -3.59 3.70
CD NLE A 1 -7.81 -5.03 3.74
CE NLE A 1 -8.86 -5.99 3.21
H2 NLE A 1 -7.53 -0.32 5.01
H NLE A 1 -7.50 0.23 3.39
H3 NLE A 1 -8.61 -0.99 3.86
HA NLE A 1 -6.29 -2.05 4.60
HB2 NLE A 1 -6.61 -3.36 2.43
HB3 NLE A 1 -7.93 -2.26 2.08
HG2 NLE A 1 -9.28 -3.56 3.26
HG3 NLE A 1 -8.33 -3.20 4.71
HD2 NLE A 1 -7.60 -5.31 4.77
HD3 NLE A 1 -6.92 -5.13 3.14
HE1 NLE A 1 -8.48 -7.00 3.25
HE2 NLE A 1 -9.09 -5.73 2.19
HE3 NLE A 1 -9.76 -5.92 3.81
N CYS A 2 -4.28 -1.46 3.23
CA CYS A 2 -3.09 -0.97 2.54
C CYS A 2 -2.14 -2.13 2.23
N THR A 3 -1.41 -2.00 1.12
CA THR A 3 -0.46 -3.03 0.71
C THR A 3 0.95 -2.66 1.11
N ALA A 4 1.70 -3.64 1.59
CA ALA A 4 3.08 -3.42 2.01
C ALA A 4 3.97 -3.07 0.83
N SER A 5 3.64 -1.99 0.13
CA SER A 5 4.40 -1.56 -1.03
C SER A 5 5.11 -0.24 -0.75
N ILE A 6 6.10 0.09 -1.57
CA ILE A 6 6.86 1.32 -1.41
C ILE A 6 6.89 2.12 -2.71
N PRO A 7 6.09 3.21 -2.78
CA PRO A 7 5.23 3.63 -1.69
C PRO A 7 3.99 2.75 -1.53
N PRO A 8 3.44 2.68 -0.32
CA PRO A 8 2.24 1.87 -0.03
C PRO A 8 1.06 2.25 -0.90
N GLN A 9 0.26 1.26 -1.28
CA GLN A 9 -0.90 1.50 -2.11
C GLN A 9 -2.18 1.05 -1.40
N CYS A 10 -3.06 2.02 -1.12
CA CYS A 10 -4.31 1.72 -0.43
C CYS A 10 -5.51 2.05 -1.32
N TYR A 11 -5.68 1.27 -2.38
CA TYR A 11 -6.78 1.47 -3.31
C TYR A 11 -7.93 0.51 -3.01
N NLE A 1 -6.68 -0.71 4.92
CA NLE A 1 -5.19 -0.80 5.00
C NLE A 1 -4.57 -0.79 3.60
O NLE A 1 -5.23 -1.14 2.62
CB NLE A 1 -4.81 -2.07 5.74
CG NLE A 1 -5.60 -3.29 5.30
CD NLE A 1 -4.74 -4.25 4.48
CE NLE A 1 -5.48 -5.53 4.17
H2 NLE A 1 -7.06 -1.37 5.65
H NLE A 1 -6.95 0.27 5.13
H3 NLE A 1 -6.96 -0.99 3.96
HA NLE A 1 -4.83 0.06 5.55
HB2 NLE A 1 -4.97 -1.92 6.79
HB3 NLE A 1 -3.76 -2.27 5.58
HG2 NLE A 1 -6.44 -2.97 4.70
HG3 NLE A 1 -5.96 -3.81 6.17
HD2 NLE A 1 -3.84 -4.49 5.03
HD3 NLE A 1 -4.48 -3.77 3.55
HE1 NLE A 1 -6.10 -5.39 3.30
HE2 NLE A 1 -6.09 -5.80 5.01
HE3 NLE A 1 -4.77 -6.32 3.97
N CYS A 2 -3.30 -0.39 3.52
CA CYS A 2 -2.60 -0.34 2.25
C CYS A 2 -1.69 -1.55 2.08
N THR A 3 -1.38 -1.89 0.83
CA THR A 3 -0.51 -3.02 0.55
C THR A 3 0.89 -2.79 1.10
N ALA A 4 1.61 -3.89 1.33
CA ALA A 4 2.97 -3.80 1.87
C ALA A 4 3.98 -3.48 0.76
N SER A 5 3.74 -2.36 0.07
CA SER A 5 4.64 -1.94 -1.00
C SER A 5 5.08 -0.49 -0.82
N ILE A 6 6.13 -0.10 -1.52
CA ILE A 6 6.65 1.25 -1.43
C ILE A 6 6.55 1.98 -2.78
N PRO A 7 5.81 3.10 -2.82
CA PRO A 7 5.12 3.66 -1.65
C PRO A 7 3.84 2.90 -1.33
N PRO A 8 3.44 2.90 -0.05
CA PRO A 8 2.22 2.22 0.41
C PRO A 8 0.98 2.70 -0.34
N GLN A 9 0.21 1.75 -0.87
CA GLN A 9 -1.00 2.06 -1.61
C GLN A 9 -2.19 1.27 -1.09
N CYS A 10 -3.39 1.77 -1.34
CA CYS A 10 -4.61 1.10 -0.90
C CYS A 10 -5.54 0.83 -2.07
N TYR A 11 -6.27 -0.28 -2.00
CA TYR A 11 -7.20 -0.67 -3.06
C TYR A 11 -8.62 -0.26 -2.71
N NLE A 1 -7.35 -1.19 4.33
CA NLE A 1 -5.91 -1.43 4.60
C NLE A 1 -5.07 -1.24 3.33
O NLE A 1 -5.58 -1.38 2.21
CB NLE A 1 -5.75 -2.85 5.13
CG NLE A 1 -5.51 -2.91 6.64
CD NLE A 1 -6.59 -2.16 7.39
CE NLE A 1 -7.06 -2.93 8.61
H2 NLE A 1 -7.42 -0.59 3.48
H NLE A 1 -7.81 -2.12 4.18
H3 NLE A 1 -7.76 -0.72 5.17
HA NLE A 1 -5.58 -0.73 5.35
HB2 NLE A 1 -4.90 -3.31 4.64
HB3 NLE A 1 -6.63 -3.42 4.90
HG2 NLE A 1 -4.55 -2.47 6.86
HG3 NLE A 1 -5.52 -3.94 6.94
HD2 NLE A 1 -7.43 -2.00 6.74
HD3 NLE A 1 -6.20 -1.21 7.73
HE1 NLE A 1 -7.59 -2.26 9.28
HE2 NLE A 1 -6.22 -3.37 9.12
HE3 NLE A 1 -7.75 -3.71 8.29
N CYS A 2 -3.80 -0.92 3.51
CA CYS A 2 -2.90 -0.72 2.38
C CYS A 2 -1.98 -1.92 2.19
N THR A 3 -1.34 -1.97 1.03
CA THR A 3 -0.43 -3.08 0.72
C THR A 3 0.99 -2.77 1.19
N ALA A 4 1.75 -3.81 1.47
CA ALA A 4 3.13 -3.65 1.93
C ALA A 4 4.05 -3.30 0.78
N SER A 5 3.75 -2.21 0.08
CA SER A 5 4.55 -1.76 -1.04
C SER A 5 5.15 -0.39 -0.77
N ILE A 6 6.17 -0.02 -1.55
CA ILE A 6 6.83 1.26 -1.40
C ILE A 6 6.85 2.03 -2.71
N PRO A 7 6.09 3.13 -2.80
CA PRO A 7 5.24 3.61 -1.69
C PRO A 7 3.99 2.76 -1.52
N PRO A 8 3.47 2.67 -0.28
CA PRO A 8 2.27 1.90 0.03
C PRO A 8 1.01 2.56 -0.51
N GLN A 9 0.14 1.75 -1.11
CA GLN A 9 -1.12 2.27 -1.66
C GLN A 9 -2.30 1.44 -1.18
N CYS A 10 -3.49 2.02 -1.24
CA CYS A 10 -4.71 1.35 -0.81
C CYS A 10 -5.68 1.18 -1.96
N TYR A 11 -6.71 0.37 -1.75
CA TYR A 11 -7.72 0.13 -2.78
C TYR A 11 -8.95 1.00 -2.55
N NLE A 1 -6.98 -1.37 4.74
CA NLE A 1 -5.50 -1.38 4.88
C NLE A 1 -4.82 -1.12 3.55
O NLE A 1 -5.44 -1.21 2.49
CB NLE A 1 -5.08 -2.75 5.43
CG NLE A 1 -4.80 -2.76 6.92
CD NLE A 1 -4.27 -4.10 7.38
CE NLE A 1 -3.73 -4.04 8.79
H2 NLE A 1 -7.38 -0.88 5.58
H NLE A 1 -7.21 -0.86 3.86
H3 NLE A 1 -7.31 -2.36 4.70
HA NLE A 1 -5.22 -0.62 5.59
HB2 NLE A 1 -4.19 -3.07 4.91
HB3 NLE A 1 -5.87 -3.46 5.23
HG2 NLE A 1 -5.71 -2.53 7.45
HG3 NLE A 1 -4.05 -2.00 7.13
HD2 NLE A 1 -3.48 -4.43 6.73
HD3 NLE A 1 -5.08 -4.82 7.37
HE1 NLE A 1 -3.98 -4.94 9.32
HE2 NLE A 1 -4.16 -3.19 9.31
HE3 NLE A 1 -2.65 -3.93 8.76
N CYS A 2 -3.54 -0.77 3.60
CA CYS A 2 -2.77 -0.48 2.40
C CYS A 2 -1.85 -1.65 2.04
N THR A 3 -1.38 -1.68 0.80
CA THR A 3 -0.50 -2.74 0.35
C THR A 3 0.84 -2.67 1.05
N ALA A 4 1.54 -3.80 1.11
CA ALA A 4 2.85 -3.86 1.75
C ALA A 4 3.97 -3.55 0.78
N SER A 5 3.91 -2.38 0.16
CA SER A 5 4.92 -1.96 -0.80
C SER A 5 5.15 -0.46 -0.73
N ILE A 6 6.33 -0.03 -1.17
CA ILE A 6 6.69 1.39 -1.16
C ILE A 6 6.80 1.94 -2.57
N PRO A 7 6.05 3.02 -2.88
CA PRO A 7 5.14 3.66 -1.92
C PRO A 7 3.93 2.80 -1.60
N PRO A 8 3.41 2.92 -0.37
CA PRO A 8 2.24 2.16 0.07
C PRO A 8 0.94 2.66 -0.55
N GLN A 9 0.14 1.73 -1.06
CA GLN A 9 -1.13 2.10 -1.69
C GLN A 9 -2.28 1.27 -1.10
N CYS A 10 -3.48 1.85 -1.11
CA CYS A 10 -4.65 1.16 -0.58
C CYS A 10 -5.62 0.79 -1.70
N TYR A 11 -6.02 -0.47 -1.75
CA TYR A 11 -6.94 -0.95 -2.76
C TYR A 11 -8.36 -1.00 -2.23
N NLE A 1 -7.66 -1.03 2.55
CA NLE A 1 -6.36 -1.28 3.24
C NLE A 1 -5.19 -1.14 2.28
O NLE A 1 -5.35 -1.25 1.06
CB NLE A 1 -6.38 -2.68 3.84
CG NLE A 1 -7.12 -2.77 5.16
CD NLE A 1 -6.45 -3.74 6.11
CE NLE A 1 -6.54 -5.17 5.62
H2 NLE A 1 -8.05 -1.96 2.29
H NLE A 1 -8.27 -0.52 3.21
H3 NLE A 1 -7.46 -0.45 1.71
HA NLE A 1 -6.25 -0.56 4.03
HB2 NLE A 1 -5.37 -3.01 4.00
HB3 NLE A 1 -6.86 -3.35 3.13
HG2 NLE A 1 -8.13 -3.10 4.98
HG3 NLE A 1 -7.14 -1.80 5.61
HD2 NLE A 1 -6.92 -3.68 7.08
HD3 NLE A 1 -5.41 -3.48 6.20
HE1 NLE A 1 -7.46 -5.30 5.07
HE2 NLE A 1 -6.54 -5.85 6.46
HE3 NLE A 1 -5.70 -5.39 4.99
N CYS A 2 -4.00 -0.89 2.82
CA CYS A 2 -2.80 -0.73 2.00
C CYS A 2 -1.94 -1.99 2.06
N THR A 3 -1.14 -2.20 1.02
CA THR A 3 -0.27 -3.37 0.94
C THR A 3 1.17 -2.99 1.28
N ALA A 4 1.94 -3.98 1.74
CA ALA A 4 3.33 -3.74 2.10
C ALA A 4 4.16 -3.37 0.86
N SER A 5 3.79 -2.27 0.23
CA SER A 5 4.50 -1.81 -0.96
C SER A 5 5.11 -0.43 -0.74
N ILE A 6 6.06 -0.06 -1.58
CA ILE A 6 6.74 1.23 -1.47
C ILE A 6 6.72 1.97 -2.80
N PRO A 7 5.98 3.08 -2.89
CA PRO A 7 5.18 3.61 -1.77
C PRO A 7 3.91 2.80 -1.53
N PRO A 8 3.44 2.77 -0.28
CA PRO A 8 2.23 2.03 0.09
C PRO A 8 0.96 2.68 -0.47
N GLN A 9 0.11 1.88 -1.07
CA GLN A 9 -1.14 2.37 -1.64
C GLN A 9 -2.34 1.59 -1.09
N CYS A 10 -3.52 2.20 -1.18
CA CYS A 10 -4.74 1.57 -0.70
C CYS A 10 -5.78 1.47 -1.81
N TYR A 11 -6.82 0.69 -1.58
CA TYR A 11 -7.89 0.51 -2.56
C TYR A 11 -9.07 1.43 -2.25
N NLE A 1 -7.31 -1.24 3.73
CA NLE A 1 -5.89 -1.50 4.10
C NLE A 1 -4.95 -1.21 2.93
O NLE A 1 -5.35 -1.29 1.77
CB NLE A 1 -5.77 -2.97 4.52
CG NLE A 1 -6.21 -3.22 5.96
CD NLE A 1 -5.02 -3.31 6.90
CE NLE A 1 -4.18 -2.05 6.89
H2 NLE A 1 -7.91 -1.62 4.49
H NLE A 1 -7.43 -0.21 3.65
H3 NLE A 1 -7.49 -1.71 2.83
HA NLE A 1 -5.63 -0.86 4.93
HB2 NLE A 1 -4.73 -3.27 4.43
HB3 NLE A 1 -6.38 -3.58 3.88
HG2 NLE A 1 -6.75 -4.15 6.00
HG3 NLE A 1 -6.84 -2.41 6.29
HD2 NLE A 1 -4.39 -4.14 6.60
HD3 NLE A 1 -5.36 -3.47 7.91
HE1 NLE A 1 -4.80 -1.21 7.18
HE2 NLE A 1 -3.80 -1.88 5.88
HE3 NLE A 1 -3.36 -2.14 7.57
N CYS A 2 -3.71 -0.88 3.25
CA CYS A 2 -2.71 -0.58 2.23
C CYS A 2 -1.79 -1.78 2.01
N THR A 3 -1.34 -1.95 0.76
CA THR A 3 -0.45 -3.05 0.41
C THR A 3 0.96 -2.80 0.95
N ALA A 4 1.60 -3.87 1.43
CA ALA A 4 2.95 -3.77 1.98
C ALA A 4 3.96 -3.46 0.87
N SER A 5 3.81 -2.29 0.26
CA SER A 5 4.71 -1.89 -0.80
C SER A 5 5.08 -0.42 -0.67
N ILE A 6 6.20 -0.03 -1.27
CA ILE A 6 6.67 1.36 -1.22
C ILE A 6 6.81 1.94 -2.62
N PRO A 7 6.08 3.04 -2.90
CA PRO A 7 5.18 3.68 -1.95
C PRO A 7 3.95 2.82 -1.64
N PRO A 8 3.43 2.92 -0.41
CA PRO A 8 2.26 2.15 0.01
C PRO A 8 0.96 2.68 -0.60
N GLN A 9 0.15 1.77 -1.11
CA GLN A 9 -1.12 2.13 -1.72
C GLN A 9 -2.27 1.35 -1.10
N CYS A 10 -3.45 1.97 -1.05
CA CYS A 10 -4.62 1.34 -0.47
C CYS A 10 -5.66 1.02 -1.54
N TYR A 11 -6.68 0.28 -1.16
CA TYR A 11 -7.74 -0.11 -2.08
C TYR A 11 -8.90 0.89 -2.03
N NLE A 1 -6.76 -0.79 4.71
CA NLE A 1 -5.28 -0.74 4.85
C NLE A 1 -4.59 -0.81 3.50
O NLE A 1 -5.21 -1.18 2.49
CB NLE A 1 -4.85 -1.93 5.73
CG NLE A 1 -4.46 -1.53 7.14
CD NLE A 1 -4.56 -2.71 8.09
CE NLE A 1 -3.24 -3.44 8.24
H2 NLE A 1 -6.99 -1.34 3.86
H NLE A 1 -7.16 -1.24 5.56
H3 NLE A 1 -7.10 0.19 4.62
HA NLE A 1 -5.01 0.18 5.34
HB2 NLE A 1 -4.01 -2.41 5.26
HB3 NLE A 1 -5.67 -2.63 5.79
HG2 NLE A 1 -5.11 -0.75 7.47
HG3 NLE A 1 -3.44 -1.18 7.13
HD2 NLE A 1 -5.30 -3.40 7.73
HD3 NLE A 1 -4.85 -2.34 9.07
HE1 NLE A 1 -2.49 -2.75 8.61
HE2 NLE A 1 -2.94 -3.81 7.28
HE3 NLE A 1 -3.36 -4.26 8.93
N CYS A 2 -3.31 -0.45 3.48
CA CYS A 2 -2.54 -0.47 2.23
C CYS A 2 -1.69 -1.73 2.15
N THR A 3 -1.27 -2.06 0.93
CA THR A 3 -0.45 -3.25 0.71
C THR A 3 1.01 -2.99 1.09
N ALA A 4 1.72 -4.03 1.49
CA ALA A 4 3.12 -3.91 1.87
C ALA A 4 3.98 -3.50 0.69
N SER A 5 3.70 -2.32 0.14
CA SER A 5 4.45 -1.81 -1.00
C SER A 5 4.93 -0.38 -0.74
N ILE A 6 6.05 -0.02 -1.37
CA ILE A 6 6.60 1.32 -1.20
C ILE A 6 6.75 2.03 -2.55
N PRO A 7 6.05 3.15 -2.74
CA PRO A 7 5.18 3.74 -1.72
C PRO A 7 3.93 2.91 -1.49
N PRO A 8 3.40 2.95 -0.25
CA PRO A 8 2.18 2.20 0.11
C PRO A 8 0.98 2.60 -0.73
N GLN A 9 0.13 1.63 -1.04
CA GLN A 9 -1.07 1.88 -1.85
C GLN A 9 -2.29 1.24 -1.21
N CYS A 10 -3.43 1.92 -1.31
CA CYS A 10 -4.67 1.41 -0.75
C CYS A 10 -5.77 1.35 -1.82
N TYR A 11 -6.02 0.15 -2.33
CA TYR A 11 -7.04 -0.05 -3.35
C TYR A 11 -7.76 -1.38 -3.17
N NLE A 1 -6.42 0.26 5.21
CA NLE A 1 -5.58 -0.89 4.78
C NLE A 1 -4.86 -0.58 3.48
O NLE A 1 -5.46 -0.08 2.52
CB NLE A 1 -6.48 -2.11 4.62
CG NLE A 1 -6.46 -3.05 5.81
CD NLE A 1 -7.45 -4.19 5.65
CE NLE A 1 -8.87 -3.70 5.68
H2 NLE A 1 -5.85 0.84 5.87
H NLE A 1 -6.69 0.79 4.36
H3 NLE A 1 -7.26 -0.12 5.68
HA NLE A 1 -4.85 -1.08 5.55
HB2 NLE A 1 -6.15 -2.66 3.75
HB3 NLE A 1 -7.49 -1.78 4.46
HG2 NLE A 1 -6.72 -2.49 6.70
HG3 NLE A 1 -5.46 -3.46 5.92
HD2 NLE A 1 -7.31 -4.90 6.45
HD3 NLE A 1 -7.27 -4.67 4.70
HE1 NLE A 1 -9.54 -4.55 5.76
HE2 NLE A 1 -9.09 -3.16 4.77
HE3 NLE A 1 -9.02 -3.04 6.53
N CYS A 2 -3.57 -0.88 3.44
CA CYS A 2 -2.76 -0.64 2.25
C CYS A 2 -1.84 -1.82 1.96
N THR A 3 -1.31 -1.87 0.74
CA THR A 3 -0.42 -2.96 0.34
C THR A 3 0.98 -2.73 0.89
N ALA A 4 1.58 -3.80 1.41
CA ALA A 4 2.93 -3.72 1.96
C ALA A 4 3.95 -3.40 0.88
N SER A 5 3.85 -2.20 0.31
CA SER A 5 4.77 -1.77 -0.75
C SER A 5 5.16 -0.31 -0.56
N ILE A 6 6.26 0.08 -1.21
CA ILE A 6 6.73 1.46 -1.13
C ILE A 6 6.88 2.08 -2.51
N PRO A 7 6.07 3.12 -2.81
CA PRO A 7 5.09 3.67 -1.88
C PRO A 7 3.91 2.72 -1.66
N PRO A 8 3.32 2.76 -0.45
CA PRO A 8 2.17 1.91 -0.12
C PRO A 8 0.89 2.33 -0.85
N GLN A 9 0.12 1.34 -1.28
CA GLN A 9 -1.13 1.61 -1.99
C GLN A 9 -2.33 1.13 -1.18
N CYS A 10 -3.35 1.98 -1.08
CA CYS A 10 -4.55 1.64 -0.33
C CYS A 10 -5.78 1.68 -1.24
N TYR A 11 -6.29 0.50 -1.58
CA TYR A 11 -7.46 0.39 -2.44
C TYR A 11 -8.37 -0.74 -1.99
N NLE A 1 -7.53 -1.03 3.10
CA NLE A 1 -6.17 -1.15 3.68
C NLE A 1 -5.11 -0.96 2.61
O NLE A 1 -5.40 -1.00 1.41
CB NLE A 1 -6.03 -2.54 4.32
CG NLE A 1 -6.00 -2.51 5.83
CD NLE A 1 -6.88 -3.59 6.43
CE NLE A 1 -8.31 -3.48 5.96
H2 NLE A 1 -7.69 -0.03 2.87
H NLE A 1 -7.58 -1.62 2.25
H3 NLE A 1 -8.22 -1.37 3.82
HA NLE A 1 -6.04 -0.40 4.44
HB2 NLE A 1 -5.12 -3.00 3.97
HB3 NLE A 1 -6.87 -3.15 4.01
HG2 NLE A 1 -6.34 -1.55 6.18
HG3 NLE A 1 -4.99 -2.66 6.16
HD2 NLE A 1 -6.87 -3.50 7.51
HD3 NLE A 1 -6.50 -4.56 6.14
HE1 NLE A 1 -8.95 -4.10 6.57
HE2 NLE A 1 -8.38 -3.79 4.93
HE3 NLE A 1 -8.64 -2.45 6.04
N CYS A 2 -3.86 -0.77 3.04
CA CYS A 2 -2.75 -0.57 2.12
C CYS A 2 -1.91 -1.84 2.02
N THR A 3 -1.19 -1.97 0.89
CA THR A 3 -0.33 -3.12 0.67
C THR A 3 1.07 -2.88 1.19
N ALA A 4 1.80 -3.96 1.45
CA ALA A 4 3.16 -3.86 1.96
C ALA A 4 4.14 -3.52 0.84
N SER A 5 3.97 -2.35 0.24
CA SER A 5 4.84 -1.92 -0.85
C SER A 5 5.14 -0.43 -0.74
N ILE A 6 6.28 -0.02 -1.29
CA ILE A 6 6.68 1.38 -1.25
C ILE A 6 6.69 1.99 -2.66
N PRO A 7 5.91 3.05 -2.88
CA PRO A 7 5.05 3.65 -1.85
C PRO A 7 3.81 2.79 -1.56
N PRO A 8 3.31 2.85 -0.32
CA PRO A 8 2.14 2.08 0.09
C PRO A 8 0.86 2.57 -0.60
N GLN A 9 0.12 1.64 -1.19
CA GLN A 9 -1.13 1.98 -1.87
C GLN A 9 -2.33 1.38 -1.17
N CYS A 10 -3.43 2.12 -1.14
CA CYS A 10 -4.65 1.65 -0.49
C CYS A 10 -5.78 1.49 -1.52
N TYR A 11 -6.66 0.53 -1.26
CA TYR A 11 -7.79 0.27 -2.15
C TYR A 11 -9.04 -0.08 -1.36
N NLE A 1 -6.43 -1.02 5.31
CA NLE A 1 -4.96 -0.83 5.25
C NLE A 1 -4.46 -0.89 3.81
O NLE A 1 -5.19 -1.32 2.91
CB NLE A 1 -4.30 -1.92 6.09
CG NLE A 1 -3.77 -1.43 7.43
CD NLE A 1 -3.57 -2.58 8.40
CE NLE A 1 -4.41 -2.42 9.64
H2 NLE A 1 -6.72 -0.90 6.31
H NLE A 1 -6.88 -0.30 4.71
H3 NLE A 1 -6.65 -1.98 4.97
HA NLE A 1 -4.72 0.14 5.67
HB2 NLE A 1 -3.46 -2.33 5.53
HB3 NLE A 1 -5.01 -2.71 6.27
HG2 NLE A 1 -4.49 -0.73 7.85
HG3 NLE A 1 -2.83 -0.93 7.27
HD2 NLE A 1 -2.53 -2.61 8.69
HD3 NLE A 1 -3.83 -3.50 7.91
HE1 NLE A 1 -3.79 -2.49 10.52
HE2 NLE A 1 -5.15 -3.20 9.67
HE3 NLE A 1 -4.90 -1.46 9.62
N CYS A 2 -3.23 -0.45 3.59
CA CYS A 2 -2.64 -0.45 2.27
C CYS A 2 -1.69 -1.64 2.09
N THR A 3 -1.38 -1.95 0.83
CA THR A 3 -0.48 -3.06 0.53
C THR A 3 0.92 -2.80 1.08
N ALA A 4 1.65 -3.87 1.37
CA ALA A 4 3.00 -3.76 1.90
C ALA A 4 4.01 -3.43 0.80
N SER A 5 3.76 -2.33 0.09
CA SER A 5 4.64 -1.91 -0.99
C SER A 5 5.11 -0.47 -0.79
N ILE A 6 6.16 -0.09 -1.49
CA ILE A 6 6.71 1.26 -1.39
C ILE A 6 6.63 1.99 -2.72
N PRO A 7 5.88 3.11 -2.78
CA PRO A 7 5.13 3.63 -1.63
C PRO A 7 3.85 2.85 -1.37
N PRO A 8 3.40 2.83 -0.10
CA PRO A 8 2.18 2.12 0.30
C PRO A 8 0.95 2.65 -0.43
N GLN A 9 0.14 1.73 -0.97
CA GLN A 9 -1.07 2.11 -1.68
C GLN A 9 -2.27 1.29 -1.21
N CYS A 10 -3.45 1.88 -1.27
CA CYS A 10 -4.67 1.19 -0.85
C CYS A 10 -5.61 0.99 -2.03
N TYR A 11 -6.36 -0.11 -1.99
CA TYR A 11 -7.32 -0.42 -3.06
C TYR A 11 -8.73 0.01 -2.67
N NLE A 1 -7.48 -0.56 3.64
CA NLE A 1 -6.27 -1.42 3.80
C NLE A 1 -5.27 -1.18 2.68
O NLE A 1 -5.62 -1.17 1.51
CB NLE A 1 -6.73 -2.89 3.80
CG NLE A 1 -6.84 -3.49 5.20
CD NLE A 1 -6.55 -4.98 5.18
CE NLE A 1 -7.73 -5.78 4.68
H2 NLE A 1 -8.22 -1.13 3.20
H NLE A 1 -7.76 -0.23 4.58
H3 NLE A 1 -7.21 0.24 3.02
HA NLE A 1 -5.82 -1.20 4.75
HB2 NLE A 1 -6.02 -3.47 3.24
HB3 NLE A 1 -7.70 -2.95 3.33
HG2 NLE A 1 -7.85 -3.33 5.56
HG3 NLE A 1 -6.14 -2.99 5.85
HD2 NLE A 1 -6.32 -5.30 6.19
HD3 NLE A 1 -5.70 -5.17 4.54
HE1 NLE A 1 -8.26 -6.21 5.52
HE2 NLE A 1 -7.38 -6.57 4.03
HE3 NLE A 1 -8.40 -5.13 4.13
N CYS A 2 -4.00 -1.01 3.06
CA CYS A 2 -2.94 -0.77 2.09
C CYS A 2 -2.04 -1.99 1.97
N THR A 3 -1.26 -2.04 0.89
CA THR A 3 -0.36 -3.16 0.66
C THR A 3 1.07 -2.79 1.09
N ALA A 4 1.76 -3.77 1.67
CA ALA A 4 3.13 -3.56 2.13
C ALA A 4 4.07 -3.30 0.96
N SER A 5 3.79 -2.24 0.20
CA SER A 5 4.61 -1.88 -0.95
C SER A 5 5.14 -0.46 -0.82
N ILE A 6 6.16 -0.14 -1.61
CA ILE A 6 6.75 1.20 -1.59
C ILE A 6 6.62 1.89 -2.93
N PRO A 7 5.86 3.00 -3.01
CA PRO A 7 5.17 3.56 -1.83
C PRO A 7 3.91 2.78 -1.48
N PRO A 8 3.50 2.82 -0.20
CA PRO A 8 2.32 2.11 0.28
C PRO A 8 1.02 2.76 -0.23
N GLN A 9 0.20 1.96 -0.91
CA GLN A 9 -1.06 2.45 -1.46
C GLN A 9 -2.22 1.55 -1.04
N CYS A 10 -3.43 2.07 -1.11
CA CYS A 10 -4.62 1.32 -0.74
C CYS A 10 -5.50 1.07 -1.96
N TYR A 11 -6.23 -0.05 -1.94
CA TYR A 11 -7.11 -0.39 -3.04
C TYR A 11 -8.55 0.01 -2.74
N NLE A 1 -6.71 -0.34 5.00
CA NLE A 1 -5.26 -0.65 5.07
C NLE A 1 -4.64 -0.66 3.68
O NLE A 1 -5.31 -0.98 2.69
CB NLE A 1 -5.09 -2.01 5.74
CG NLE A 1 -4.49 -1.92 7.14
CD NLE A 1 -3.98 -3.28 7.61
CE NLE A 1 -3.70 -3.28 9.10
H2 NLE A 1 -7.23 -1.24 5.06
H NLE A 1 -6.95 0.29 5.81
H3 NLE A 1 -6.90 0.14 4.10
HA NLE A 1 -4.77 0.11 5.66
HB2 NLE A 1 -4.45 -2.63 5.13
HB3 NLE A 1 -6.06 -2.49 5.81
HG2 NLE A 1 -5.25 -1.58 7.82
HG3 NLE A 1 -3.66 -1.23 7.11
HD2 NLE A 1 -3.07 -3.53 7.08
HD3 NLE A 1 -4.73 -4.03 7.41
HE1 NLE A 1 -4.31 -4.03 9.58
HE2 NLE A 1 -3.91 -2.32 9.50
HE3 NLE A 1 -2.65 -3.52 9.26
N CYS A 2 -3.37 -0.31 3.60
CA CYS A 2 -2.66 -0.29 2.32
C CYS A 2 -1.73 -1.50 2.19
N THR A 3 -1.44 -1.87 0.95
CA THR A 3 -0.56 -3.01 0.68
C THR A 3 0.85 -2.74 1.15
N ALA A 4 1.63 -3.80 1.32
CA ALA A 4 3.01 -3.67 1.76
C ALA A 4 3.94 -3.29 0.61
N SER A 5 3.62 -2.18 -0.05
CA SER A 5 4.41 -1.71 -1.18
C SER A 5 5.07 -0.37 -0.85
N ILE A 6 6.07 0.00 -1.64
CA ILE A 6 6.79 1.25 -1.43
C ILE A 6 6.75 2.11 -2.68
N PRO A 7 6.00 3.23 -2.65
CA PRO A 7 5.23 3.63 -1.46
C PRO A 7 3.96 2.81 -1.29
N PRO A 8 3.48 2.66 -0.04
CA PRO A 8 2.27 1.90 0.27
C PRO A 8 1.06 2.41 -0.50
N GLN A 9 0.20 1.49 -0.92
CA GLN A 9 -1.00 1.85 -1.67
C GLN A 9 -2.24 1.15 -1.09
N CYS A 10 -3.41 1.70 -1.38
CA CYS A 10 -4.66 1.13 -0.89
C CYS A 10 -5.63 0.87 -2.04
N TYR A 11 -6.72 0.18 -1.73
CA TYR A 11 -7.73 -0.13 -2.74
C TYR A 11 -9.13 0.08 -2.18
N NLE A 1 -6.14 -0.23 5.17
CA NLE A 1 -4.67 -0.40 5.11
C NLE A 1 -4.17 -0.51 3.67
O NLE A 1 -4.92 -0.90 2.78
CB NLE A 1 -4.29 -1.67 5.89
CG NLE A 1 -3.92 -1.41 7.34
CD NLE A 1 -3.97 -2.68 8.16
CE NLE A 1 -5.39 -3.08 8.48
H2 NLE A 1 -6.36 0.29 6.04
H NLE A 1 -6.43 0.31 4.32
H3 NLE A 1 -6.57 -1.18 5.17
HA NLE A 1 -4.20 0.45 5.58
HB2 NLE A 1 -3.45 -2.14 5.40
HB3 NLE A 1 -5.13 -2.35 5.87
HG2 NLE A 1 -4.60 -0.68 7.75
HG3 NLE A 1 -2.91 -1.01 7.38
HD2 NLE A 1 -3.45 -2.52 9.10
HD3 NLE A 1 -3.50 -3.48 7.62
HE1 NLE A 1 -6.07 -2.31 8.14
HE2 NLE A 1 -5.51 -3.21 9.54
HE3 NLE A 1 -5.63 -4.01 7.98
N CYS A 2 -2.91 -0.17 3.46
CA CYS A 2 -2.32 -0.23 2.12
C CYS A 2 -1.44 -1.47 1.97
N THR A 3 -1.25 -1.89 0.73
CA THR A 3 -0.43 -3.07 0.45
C THR A 3 0.99 -2.87 0.93
N ALA A 4 1.62 -3.95 1.38
CA ALA A 4 3.00 -3.89 1.87
C ALA A 4 3.96 -3.54 0.75
N SER A 5 3.80 -2.35 0.18
CA SER A 5 4.66 -1.89 -0.90
C SER A 5 5.02 -0.41 -0.73
N ILE A 6 6.15 -0.02 -1.29
CA ILE A 6 6.61 1.36 -1.20
C ILE A 6 6.57 2.04 -2.57
N PRO A 7 5.79 3.13 -2.71
CA PRO A 7 4.98 3.67 -1.62
C PRO A 7 3.73 2.84 -1.36
N PRO A 8 3.23 2.85 -0.11
CA PRO A 8 2.03 2.09 0.28
C PRO A 8 0.84 2.43 -0.59
N GLN A 9 0.13 1.40 -1.06
CA GLN A 9 -1.04 1.58 -1.91
C GLN A 9 -2.29 1.07 -1.21
N CYS A 10 -3.38 1.83 -1.32
CA CYS A 10 -4.64 1.47 -0.70
C CYS A 10 -5.76 1.41 -1.73
N TYR A 11 -6.91 0.89 -1.31
CA TYR A 11 -8.07 0.78 -2.20
C TYR A 11 -8.98 2.00 -2.05
N NLE A 1 -6.15 0.85 5.19
CA NLE A 1 -4.97 -0.05 5.18
C NLE A 1 -4.44 -0.24 3.76
O NLE A 1 -5.20 -0.61 2.86
CB NLE A 1 -5.36 -1.38 5.79
CG NLE A 1 -6.00 -2.35 4.80
CD NLE A 1 -7.30 -1.79 4.24
CE NLE A 1 -8.41 -2.82 4.29
H2 NLE A 1 -5.81 1.83 5.23
H NLE A 1 -6.70 0.68 4.32
H3 NLE A 1 -6.72 0.62 6.03
HA NLE A 1 -4.19 0.41 5.78
HB2 NLE A 1 -6.07 -1.21 6.59
HB3 NLE A 1 -4.48 -1.85 6.20
HG2 NLE A 1 -6.20 -3.29 5.30
HG3 NLE A 1 -5.32 -2.51 3.98
HD2 NLE A 1 -7.14 -1.49 3.21
HD3 NLE A 1 -7.59 -0.94 4.83
HE1 NLE A 1 -8.63 -3.15 3.28
HE2 NLE A 1 -9.29 -2.36 4.71
HE3 NLE A 1 -8.11 -3.65 4.89
N CYS A 2 -3.15 -0.02 3.57
CA CYS A 2 -2.53 -0.18 2.26
C CYS A 2 -1.69 -1.45 2.21
N THR A 3 -1.35 -1.88 0.99
CA THR A 3 -0.56 -3.09 0.81
C THR A 3 0.90 -2.84 1.19
N ALA A 4 1.66 -3.92 1.32
CA ALA A 4 3.07 -3.83 1.69
C ALA A 4 3.91 -3.39 0.49
N SER A 5 3.64 -2.19 -0.02
CA SER A 5 4.37 -1.66 -1.16
C SER A 5 5.05 -0.34 -0.80
N ILE A 6 6.01 0.07 -1.63
CA ILE A 6 6.74 1.31 -1.40
C ILE A 6 6.68 2.21 -2.63
N PRO A 7 5.91 3.31 -2.56
CA PRO A 7 5.13 3.66 -1.37
C PRO A 7 3.89 2.79 -1.21
N PRO A 8 3.35 2.70 0.01
CA PRO A 8 2.15 1.91 0.30
C PRO A 8 0.98 2.26 -0.62
N GLN A 9 0.21 1.27 -1.00
CA GLN A 9 -0.94 1.48 -1.87
C GLN A 9 -2.22 0.97 -1.23
N CYS A 10 -3.31 1.71 -1.43
CA CYS A 10 -4.59 1.34 -0.86
C CYS A 10 -5.64 1.19 -1.95
N TYR A 11 -6.67 0.38 -1.68
CA TYR A 11 -7.73 0.15 -2.65
C TYR A 11 -9.09 0.03 -1.94
N NLE A 1 -7.79 -1.20 1.83
CA NLE A 1 -6.59 -1.54 2.64
C NLE A 1 -5.31 -1.32 1.85
O NLE A 1 -5.31 -1.31 0.62
CB NLE A 1 -6.70 -3.01 3.05
CG NLE A 1 -7.55 -3.23 4.30
CD NLE A 1 -8.68 -4.23 4.04
CE NLE A 1 -9.62 -3.73 2.96
H2 NLE A 1 -7.92 -1.94 1.13
H NLE A 1 -8.60 -1.14 2.48
H3 NLE A 1 -7.60 -0.28 1.38
HA NLE A 1 -6.58 -0.93 3.52
HB2 NLE A 1 -5.71 -3.39 3.25
HB3 NLE A 1 -7.14 -3.58 2.24
HG2 NLE A 1 -7.98 -2.29 4.61
HG3 NLE A 1 -6.93 -3.62 5.09
HD2 NLE A 1 -9.24 -4.37 4.95
HD3 NLE A 1 -8.25 -5.16 3.71
HE1 NLE A 1 -10.25 -2.95 3.37
HE2 NLE A 1 -10.23 -4.55 2.62
HE3 NLE A 1 -9.05 -3.34 2.13
N CYS A 2 -4.20 -1.13 2.57
CA CYS A 2 -2.91 -0.90 1.93
C CYS A 2 -2.05 -2.15 1.99
N THR A 3 -1.09 -2.24 1.07
CA THR A 3 -0.20 -3.40 1.00
C THR A 3 1.24 -2.99 1.34
N ALA A 4 2.02 -3.94 1.84
CA ALA A 4 3.41 -3.67 2.18
C ALA A 4 4.23 -3.33 0.94
N SER A 5 3.85 -2.26 0.27
CA SER A 5 4.56 -1.83 -0.94
C SER A 5 5.17 -0.44 -0.73
N ILE A 6 6.11 -0.09 -1.61
CA ILE A 6 6.77 1.21 -1.52
C ILE A 6 6.71 1.94 -2.86
N PRO A 7 5.94 3.05 -2.92
CA PRO A 7 5.18 3.56 -1.79
C PRO A 7 3.91 2.76 -1.53
N PRO A 8 3.39 2.83 -0.29
CA PRO A 8 2.17 2.11 0.10
C PRO A 8 0.92 2.71 -0.55
N GLN A 9 0.08 1.85 -1.12
CA GLN A 9 -1.15 2.30 -1.77
C GLN A 9 -2.37 1.62 -1.16
N CYS A 10 -3.48 2.33 -1.12
CA CYS A 10 -4.72 1.80 -0.57
C CYS A 10 -5.82 1.72 -1.63
N TYR A 11 -5.72 0.73 -2.50
CA TYR A 11 -6.69 0.55 -3.57
C TYR A 11 -7.73 -0.50 -3.18
N NLE A 1 -5.94 0.32 5.55
CA NLE A 1 -4.56 -0.19 5.39
C NLE A 1 -4.20 -0.39 3.92
O NLE A 1 -5.04 -0.79 3.11
CB NLE A 1 -4.44 -1.52 6.14
CG NLE A 1 -3.60 -1.43 7.40
CD NLE A 1 -3.66 -2.73 8.20
CE NLE A 1 -4.18 -2.50 9.60
H2 NLE A 1 -6.09 1.06 4.83
H NLE A 1 -6.59 -0.48 5.39
H3 NLE A 1 -6.03 0.70 6.51
HA NLE A 1 -3.87 0.53 5.83
HB2 NLE A 1 -3.98 -2.25 5.49
HB3 NLE A 1 -5.43 -1.85 6.41
HG2 NLE A 1 -3.98 -0.63 8.02
HG3 NLE A 1 -2.57 -1.23 7.14
HD2 NLE A 1 -2.66 -3.14 8.27
HD3 NLE A 1 -4.31 -3.42 7.71
HE1 NLE A 1 -3.36 -2.28 10.26
HE2 NLE A 1 -4.69 -3.38 9.95
HE3 NLE A 1 -4.88 -1.67 9.60
N CYS A 2 -2.95 -0.08 3.57
CA CYS A 2 -2.48 -0.22 2.20
C CYS A 2 -1.60 -1.46 2.06
N THR A 3 -1.38 -1.88 0.81
CA THR A 3 -0.55 -3.04 0.53
C THR A 3 0.90 -2.78 0.95
N ALA A 4 1.58 -3.83 1.39
CA ALA A 4 2.97 -3.71 1.81
C ALA A 4 3.87 -3.34 0.64
N SER A 5 3.63 -2.17 0.06
CA SER A 5 4.41 -1.70 -1.07
C SER A 5 5.09 -0.37 -0.74
N ILE A 6 6.08 0.00 -1.55
CA ILE A 6 6.80 1.24 -1.35
C ILE A 6 6.80 2.10 -2.61
N PRO A 7 6.01 3.18 -2.63
CA PRO A 7 5.18 3.58 -1.49
C PRO A 7 3.95 2.70 -1.34
N PRO A 8 3.39 2.63 -0.12
CA PRO A 8 2.20 1.82 0.18
C PRO A 8 0.93 2.43 -0.41
N GLN A 9 0.10 1.59 -1.02
CA GLN A 9 -1.14 2.06 -1.61
C GLN A 9 -2.31 1.17 -1.17
N CYS A 10 -3.51 1.74 -1.19
CA CYS A 10 -4.71 1.01 -0.80
C CYS A 10 -5.62 0.75 -2.00
N TYR A 11 -6.05 -0.49 -2.15
CA TYR A 11 -6.92 -0.87 -3.26
C TYR A 11 -8.38 -0.88 -2.82
N NLE A 1 -7.65 -1.15 3.97
CA NLE A 1 -6.23 -1.23 4.38
C NLE A 1 -5.30 -1.08 3.17
O NLE A 1 -5.73 -1.24 2.03
CB NLE A 1 -5.99 -2.57 5.07
CG NLE A 1 -5.78 -2.44 6.57
CD NLE A 1 -6.28 -3.69 7.30
CE NLE A 1 -5.77 -3.75 8.72
H2 NLE A 1 -8.00 -2.12 3.85
H NLE A 1 -8.18 -0.67 4.73
H3 NLE A 1 -7.70 -0.61 3.08
HA NLE A 1 -6.03 -0.43 5.07
HB2 NLE A 1 -5.10 -3.03 4.65
HB3 NLE A 1 -6.83 -3.20 4.89
HG2 NLE A 1 -6.32 -1.58 6.94
HG3 NLE A 1 -4.73 -2.32 6.78
HD2 NLE A 1 -5.94 -4.57 6.78
HD3 NLE A 1 -7.36 -3.66 7.34
HE1 NLE A 1 -5.38 -2.78 9.01
HE2 NLE A 1 -4.97 -4.48 8.79
HE3 NLE A 1 -6.56 -4.03 9.39
N CYS A 2 -4.03 -0.79 3.44
CA CYS A 2 -3.04 -0.63 2.38
C CYS A 2 -2.15 -1.86 2.27
N THR A 3 -1.45 -1.98 1.15
CA THR A 3 -0.56 -3.11 0.91
C THR A 3 0.89 -2.73 1.21
N ALA A 4 1.70 -3.73 1.55
CA ALA A 4 3.11 -3.50 1.86
C ALA A 4 3.88 -3.10 0.60
N SER A 5 3.46 -2.00 -0.02
CA SER A 5 4.11 -1.52 -1.24
C SER A 5 4.98 -0.31 -0.93
N ILE A 6 5.89 0.02 -1.85
CA ILE A 6 6.79 1.15 -1.68
C ILE A 6 6.73 2.07 -2.89
N PRO A 7 6.05 3.22 -2.77
CA PRO A 7 5.37 3.61 -1.53
C PRO A 7 4.08 2.83 -1.31
N PRO A 8 3.68 2.65 -0.05
CA PRO A 8 2.46 1.92 0.31
C PRO A 8 1.22 2.50 -0.35
N GLN A 9 0.39 1.64 -0.93
CA GLN A 9 -0.83 2.07 -1.59
C GLN A 9 -2.03 1.26 -1.12
N CYS A 10 -3.23 1.80 -1.30
CA CYS A 10 -4.46 1.14 -0.89
C CYS A 10 -5.30 0.77 -2.10
N TYR A 11 -6.18 -0.22 -1.92
CA TYR A 11 -7.05 -0.67 -3.00
C TYR A 11 -8.43 -1.04 -2.46
N NLE A 1 -6.85 -0.99 4.85
CA NLE A 1 -5.37 -0.95 4.96
C NLE A 1 -4.72 -0.95 3.57
O NLE A 1 -5.35 -1.31 2.58
CB NLE A 1 -4.90 -2.17 5.76
CG NLE A 1 -4.81 -3.44 4.93
CD NLE A 1 -3.39 -3.98 4.89
CE NLE A 1 -3.36 -5.46 4.59
H2 NLE A 1 -7.24 -0.42 5.62
H NLE A 1 -7.11 -0.60 3.92
H3 NLE A 1 -7.14 -1.99 4.92
HA NLE A 1 -5.09 -0.05 5.48
HB2 NLE A 1 -5.60 -2.34 6.57
HB3 NLE A 1 -3.92 -1.97 6.16
HG2 NLE A 1 -5.14 -3.23 3.92
HG3 NLE A 1 -5.45 -4.19 5.36
HD2 NLE A 1 -2.92 -3.81 5.84
HD3 NLE A 1 -2.83 -3.46 4.11
HE1 NLE A 1 -2.52 -5.92 5.11
HE2 NLE A 1 -3.25 -5.61 3.53
HE3 NLE A 1 -4.28 -5.91 4.94
N CYS A 2 -3.46 -0.53 3.53
CA CYS A 2 -2.71 -0.49 2.27
C CYS A 2 -1.76 -1.67 2.15
N THR A 3 -1.41 -2.01 0.91
CA THR A 3 -0.51 -3.14 0.66
C THR A 3 0.92 -2.77 1.04
N ALA A 4 1.68 -3.76 1.51
CA ALA A 4 3.06 -3.55 1.91
C ALA A 4 3.93 -3.19 0.71
N SER A 5 3.59 -2.10 0.04
CA SER A 5 4.34 -1.64 -1.12
C SER A 5 5.08 -0.35 -0.81
N ILE A 6 6.05 -0.02 -1.66
CA ILE A 6 6.84 1.19 -1.48
C ILE A 6 6.80 2.06 -2.75
N PRO A 7 6.04 3.17 -2.70
CA PRO A 7 5.26 3.57 -1.52
C PRO A 7 4.00 2.73 -1.35
N PRO A 8 3.50 2.64 -0.11
CA PRO A 8 2.29 1.87 0.19
C PRO A 8 1.03 2.48 -0.43
N GLN A 9 0.17 1.62 -0.97
CA GLN A 9 -1.06 2.07 -1.59
C GLN A 9 -2.26 1.27 -1.10
N CYS A 10 -3.46 1.83 -1.29
CA CYS A 10 -4.68 1.18 -0.86
C CYS A 10 -5.63 0.98 -2.04
N TYR A 11 -5.73 -0.26 -2.52
CA TYR A 11 -6.59 -0.58 -3.64
C TYR A 11 -7.27 -1.93 -3.44
#